data_4WLB
#
_entry.id   4WLB
#
_cell.length_a   66.787
_cell.length_b   86.258
_cell.length_c   91.854
_cell.angle_alpha   90.000
_cell.angle_beta   90.000
_cell.angle_gamma   90.000
#
_symmetry.space_group_name_H-M   'P 21 21 21'
#
loop_
_entity.id
_entity.type
_entity.pdbx_description
1 polymer 'Nuclear receptor ROR-gamma'
2 polymer 'SRC-1 peptide'
3 non-polymer N-(4-fluorobenzyl)-N-(2-methylpropyl)-6-{[1-(methylsulfonyl)piperidin-4-yl]amino}pyridine-3-sulfonamide
4 non-polymer 'L(+)-TARTARIC ACID'
5 water water
#
loop_
_entity_poly.entity_id
_entity_poly.type
_entity_poly.pdbx_seq_one_letter_code
_entity_poly.pdbx_strand_id
1 'polypeptide(L)'
;MHHHHHHGENLYFQGSAPYASLTEIEHLVQSVCKSYRETCQLRLEDLLRQRSNIFSREEVTGYQRKSMWEMWERCAHHLT
EAIQYVVEFAKRLSGFMELCQNDQIVLLKAGAMEVVLVRMCRAYNADNRTVFFEGKYGGMELFRALGCSELISSIFDFSH
SLSALHFSEDEIALYTALVLINAHRPGLQEKRKVEQLQYNLELAFHHHLCKTHRQSILAKLPPKGKLRSLCSQHVERLQI
FQHLHPIVVQAAFPPLYKELFSGNS
;
A,B
2 'polypeptide(L)' SLLKKLLD D,E
#
# COMPACT_ATOMS: atom_id res chain seq x y z
N GLY A 15 -9.03 -32.73 -5.23
CA GLY A 15 -9.31 -33.89 -4.40
C GLY A 15 -8.10 -34.80 -4.30
N SER A 16 -7.88 -35.32 -3.08
CA SER A 16 -6.73 -36.16 -2.79
C SER A 16 -7.01 -37.65 -3.01
N ALA A 17 -8.17 -37.97 -3.56
CA ALA A 17 -8.58 -39.37 -3.68
C ALA A 17 -7.84 -40.09 -4.81
N PRO A 18 -7.33 -41.30 -4.54
CA PRO A 18 -6.60 -42.07 -5.58
C PRO A 18 -7.52 -42.54 -6.70
N TYR A 19 -6.92 -42.94 -7.81
CA TYR A 19 -7.66 -43.47 -8.97
C TYR A 19 -8.83 -42.59 -9.41
N ALA A 20 -8.59 -41.29 -9.55
CA ALA A 20 -9.61 -40.38 -10.07
C ALA A 20 -10.12 -40.82 -11.44
N SER A 21 -11.44 -40.94 -11.55
CA SER A 21 -12.08 -41.30 -12.82
C SER A 21 -12.02 -40.16 -13.83
N LEU A 22 -12.39 -40.42 -15.07
CA LEU A 22 -12.45 -39.37 -16.08
C LEU A 22 -13.43 -38.26 -15.64
N THR A 23 -14.61 -38.66 -15.16
N THR A 23 -14.60 -38.66 -15.14
CA THR A 23 -15.59 -37.71 -14.65
CA THR A 23 -15.58 -37.69 -14.66
C THR A 23 -15.01 -36.85 -13.51
C THR A 23 -15.05 -36.86 -13.50
N GLU A 24 -14.29 -37.49 -12.60
CA GLU A 24 -13.73 -36.78 -11.47
C GLU A 24 -12.64 -35.83 -11.96
N ILE A 25 -11.89 -36.25 -12.98
CA ILE A 25 -10.85 -35.40 -13.56
C ILE A 25 -11.52 -34.19 -14.23
N GLU A 26 -12.56 -34.42 -15.01
CA GLU A 26 -13.27 -33.32 -15.65
C GLU A 26 -13.84 -32.36 -14.60
N HIS A 27 -14.39 -32.92 -13.53
CA HIS A 27 -14.98 -32.12 -12.47
CA HIS A 27 -14.98 -32.10 -12.48
C HIS A 27 -13.90 -31.23 -11.85
N LEU A 28 -12.72 -31.80 -11.64
CA LEU A 28 -11.60 -31.07 -11.05
C LEU A 28 -11.13 -29.91 -11.94
N VAL A 29 -11.09 -30.12 -13.26
CA VAL A 29 -10.80 -29.03 -14.18
C VAL A 29 -11.76 -27.87 -13.91
N GLN A 30 -13.05 -28.16 -13.84
CA GLN A 30 -14.03 -27.08 -13.66
C GLN A 30 -13.87 -26.42 -12.29
N SER A 31 -13.56 -27.23 -11.27
CA SER A 31 -13.41 -26.73 -9.92
C SER A 31 -12.23 -25.77 -9.78
N VAL A 32 -11.07 -26.19 -10.27
CA VAL A 32 -9.86 -25.37 -10.23
C VAL A 32 -10.11 -24.04 -10.96
N CYS A 33 -10.69 -24.13 -12.15
CA CYS A 33 -10.97 -22.93 -12.93
C CYS A 33 -11.91 -21.99 -12.17
N LYS A 34 -12.90 -22.55 -11.47
CA LYS A 34 -13.84 -21.75 -10.70
C LYS A 34 -13.11 -21.04 -9.54
N SER A 35 -12.27 -21.79 -8.84
CA SER A 35 -11.51 -21.25 -7.72
C SER A 35 -10.67 -20.08 -8.19
N TYR A 36 -10.05 -20.25 -9.35
CA TYR A 36 -9.20 -19.21 -9.91
C TYR A 36 -10.02 -17.97 -10.28
N ARG A 37 -11.08 -18.19 -11.03
CA ARG A 37 -11.93 -17.08 -11.46
C ARG A 37 -12.38 -16.24 -10.27
N GLU A 38 -12.67 -16.88 -9.14
CA GLU A 38 -13.17 -16.18 -7.96
C GLU A 38 -12.12 -15.42 -7.17
N THR A 39 -10.84 -15.63 -7.51
CA THR A 39 -9.72 -15.10 -6.76
C THR A 39 -8.62 -14.50 -7.63
N CYS A 40 -8.96 -14.18 -8.89
CA CYS A 40 -7.94 -13.80 -9.88
C CYS A 40 -7.52 -12.34 -9.74
N GLN A 41 -8.10 -11.64 -8.76
CA GLN A 41 -7.75 -10.25 -8.42
C GLN A 41 -8.30 -9.28 -9.46
N LEU A 42 -7.54 -8.91 -10.49
CA LEU A 42 -8.06 -7.98 -11.51
C LEU A 42 -8.69 -8.73 -12.69
N ARG A 43 -9.66 -8.08 -13.31
CA ARG A 43 -10.31 -8.62 -14.49
C ARG A 43 -9.37 -8.49 -15.65
N LEU A 44 -9.20 -9.57 -16.41
CA LEU A 44 -8.26 -9.58 -17.52
C LEU A 44 -8.62 -8.51 -18.55
N GLU A 45 -9.92 -8.37 -18.81
CA GLU A 45 -10.42 -7.43 -19.81
C GLU A 45 -10.02 -6.00 -19.44
N ASP A 46 -10.04 -5.69 -18.15
CA ASP A 46 -9.61 -4.38 -17.69
C ASP A 46 -8.12 -4.18 -17.96
N LEU A 47 -7.32 -5.17 -17.58
CA LEU A 47 -5.89 -5.10 -17.80
C LEU A 47 -5.55 -4.90 -19.26
N LEU A 48 -6.21 -5.65 -20.15
CA LEU A 48 -5.93 -5.57 -21.58
C LEU A 48 -6.35 -4.23 -22.19
N ARG A 49 -7.47 -3.67 -21.75
CA ARG A 49 -7.98 -2.44 -22.34
C ARG A 49 -7.24 -1.19 -21.85
N GLN A 50 -6.48 -1.35 -20.76
CA GLN A 50 -5.69 -0.27 -20.18
C GLN A 50 -4.26 -0.25 -20.74
N ARG A 51 -3.97 -1.14 -21.67
CA ARG A 51 -2.61 -1.24 -22.19
C ARG A 51 -2.14 0.05 -22.87
N SER A 52 -3.08 0.75 -23.49
N SER A 52 -3.09 0.74 -23.48
CA SER A 52 -2.76 1.99 -24.18
CA SER A 52 -2.78 1.97 -24.18
C SER A 52 -2.50 3.14 -23.20
C SER A 52 -2.63 3.16 -23.22
N ASN A 53 -2.79 2.91 -21.92
CA ASN A 53 -2.52 3.92 -20.88
C ASN A 53 -1.13 3.76 -20.31
N ILE A 54 -0.21 4.60 -20.77
CA ILE A 54 1.20 4.45 -20.43
C ILE A 54 1.70 5.67 -19.69
N PHE A 55 2.50 5.42 -18.63
CA PHE A 55 3.09 6.52 -17.88
C PHE A 55 3.86 7.43 -18.81
N SER A 56 3.66 8.72 -18.63
CA SER A 56 4.42 9.72 -19.39
C SER A 56 5.86 9.78 -18.91
N ARG A 57 6.68 10.50 -19.66
CA ARG A 57 8.08 10.70 -19.29
C ARG A 57 8.20 11.33 -17.90
N GLU A 58 7.40 12.36 -17.63
CA GLU A 58 7.45 13.01 -16.32
C GLU A 58 6.99 12.09 -15.21
N GLU A 59 6.03 11.20 -15.49
CA GLU A 59 5.53 10.28 -14.47
C GLU A 59 6.60 9.25 -14.12
N VAL A 60 7.29 8.74 -15.15
CA VAL A 60 8.39 7.81 -14.92
C VAL A 60 9.49 8.50 -14.10
N THR A 61 9.77 9.75 -14.43
CA THR A 61 10.80 10.50 -13.71
C THR A 61 10.42 10.65 -12.24
N GLY A 62 9.15 10.96 -12.00
CA GLY A 62 8.62 11.00 -10.64
C GLY A 62 8.85 9.72 -9.85
N TYR A 63 8.65 8.56 -10.49
CA TYR A 63 8.89 7.30 -9.80
C TYR A 63 10.38 7.10 -9.53
N GLN A 64 11.21 7.62 -10.43
CA GLN A 64 12.63 7.37 -10.33
C GLN A 64 13.24 8.26 -9.26
N ARG A 65 12.61 9.40 -8.99
CA ARG A 65 13.07 10.28 -7.92
C ARG A 65 12.54 9.89 -6.53
N LYS A 66 11.65 8.90 -6.46
CA LYS A 66 11.17 8.45 -5.15
C LYS A 66 12.32 7.85 -4.35
N SER A 67 12.24 7.94 -3.03
CA SER A 67 13.25 7.36 -2.16
C SER A 67 13.19 5.83 -2.25
N MET A 68 14.31 5.18 -2.00
CA MET A 68 14.33 3.72 -1.97
C MET A 68 13.28 3.17 -1.00
N TRP A 69 13.12 3.77 0.18
CA TRP A 69 12.21 3.22 1.17
C TRP A 69 10.76 3.34 0.73
N GLU A 70 10.40 4.47 0.12
CA GLU A 70 9.01 4.64 -0.30
C GLU A 70 8.68 3.63 -1.40
N MET A 71 9.63 3.37 -2.30
CA MET A 71 9.34 2.49 -3.41
C MET A 71 9.21 1.04 -2.94
N TRP A 72 10.11 0.61 -2.06
CA TRP A 72 10.00 -0.73 -1.46
C TRP A 72 8.71 -0.86 -0.66
N GLU A 73 8.35 0.17 0.06
CA GLU A 73 7.12 0.14 0.84
C GLU A 73 5.89 -0.05 -0.06
N ARG A 74 5.82 0.69 -1.16
CA ARG A 74 4.71 0.53 -2.12
C ARG A 74 4.67 -0.89 -2.70
N CYS A 75 5.82 -1.35 -3.18
CA CYS A 75 5.91 -2.67 -3.79
C CYS A 75 5.59 -3.79 -2.80
N ALA A 76 6.06 -3.68 -1.56
CA ALA A 76 5.70 -4.67 -0.55
C ALA A 76 4.18 -4.71 -0.33
N HIS A 77 3.54 -3.55 -0.38
N HIS A 77 3.54 -3.54 -0.36
CA HIS A 77 2.08 -3.49 -0.23
CA HIS A 77 2.08 -3.47 -0.24
C HIS A 77 1.39 -4.17 -1.41
C HIS A 77 1.42 -4.20 -1.41
N HIS A 78 1.85 -3.89 -2.62
CA HIS A 78 1.26 -4.49 -3.82
C HIS A 78 1.46 -6.01 -3.85
N LEU A 79 2.65 -6.48 -3.50
CA LEU A 79 2.89 -7.92 -3.39
C LEU A 79 1.96 -8.57 -2.37
N THR A 80 1.86 -8.00 -1.18
CA THR A 80 1.01 -8.55 -0.13
C THR A 80 -0.47 -8.65 -0.56
N GLU A 81 -0.96 -7.60 -1.19
CA GLU A 81 -2.31 -7.63 -1.76
C GLU A 81 -2.50 -8.83 -2.70
N ALA A 82 -1.56 -9.01 -3.63
CA ALA A 82 -1.60 -10.13 -4.57
C ALA A 82 -1.53 -11.47 -3.85
N ILE A 83 -0.65 -11.54 -2.86
CA ILE A 83 -0.52 -12.77 -2.07
C ILE A 83 -1.81 -13.11 -1.34
N GLN A 84 -2.53 -12.11 -0.83
CA GLN A 84 -3.76 -12.37 -0.11
C GLN A 84 -4.80 -13.05 -1.02
N TYR A 85 -4.82 -12.69 -2.30
CA TYR A 85 -5.73 -13.35 -3.27
C TYR A 85 -5.28 -14.78 -3.55
N VAL A 86 -3.97 -15.00 -3.53
CA VAL A 86 -3.46 -16.37 -3.67
C VAL A 86 -3.77 -17.24 -2.47
N VAL A 87 -3.73 -16.68 -1.26
CA VAL A 87 -4.16 -17.42 -0.08
C VAL A 87 -5.63 -17.81 -0.25
N GLU A 88 -6.45 -16.88 -0.73
CA GLU A 88 -7.86 -17.21 -0.94
C GLU A 88 -8.04 -18.30 -2.00
N PHE A 89 -7.28 -18.23 -3.09
CA PHE A 89 -7.23 -19.29 -4.09
C PHE A 89 -6.93 -20.65 -3.46
N ALA A 90 -5.88 -20.70 -2.64
CA ALA A 90 -5.50 -21.97 -2.00
C ALA A 90 -6.66 -22.53 -1.16
N LYS A 91 -7.27 -21.66 -0.35
CA LYS A 91 -8.34 -22.10 0.53
C LYS A 91 -9.55 -22.64 -0.26
N ARG A 92 -9.78 -22.13 -1.47
CA ARG A 92 -10.86 -22.63 -2.33
C ARG A 92 -10.48 -23.83 -3.18
N LEU A 93 -9.18 -24.06 -3.34
CA LEU A 93 -8.67 -25.12 -4.21
C LEU A 93 -8.95 -26.50 -3.64
N SER A 94 -9.60 -27.31 -4.47
CA SER A 94 -9.96 -28.67 -4.12
C SER A 94 -8.80 -29.44 -3.47
N GLY A 95 -9.04 -29.96 -2.27
CA GLY A 95 -8.04 -30.77 -1.58
C GLY A 95 -7.07 -30.05 -0.65
N PHE A 96 -6.86 -28.75 -0.88
CA PHE A 96 -5.87 -28.02 -0.11
C PHE A 96 -6.22 -27.96 1.39
N MET A 97 -7.45 -27.62 1.72
CA MET A 97 -7.81 -27.48 3.13
C MET A 97 -7.87 -28.83 3.85
N GLU A 98 -7.86 -29.92 3.10
CA GLU A 98 -7.86 -31.26 3.68
C GLU A 98 -6.45 -31.72 4.02
N LEU A 99 -5.45 -30.98 3.52
CA LEU A 99 -4.06 -31.23 3.90
C LEU A 99 -3.88 -30.80 5.34
N CYS A 100 -2.91 -31.35 6.05
CA CYS A 100 -2.70 -30.91 7.42
C CYS A 100 -2.21 -29.45 7.43
N GLN A 101 -2.43 -28.75 8.54
CA GLN A 101 -2.12 -27.32 8.55
C GLN A 101 -0.64 -27.03 8.32
N ASN A 102 0.24 -27.83 8.91
CA ASN A 102 1.67 -27.66 8.68
C ASN A 102 2.00 -27.61 7.19
N ASP A 103 1.43 -28.55 6.44
CA ASP A 103 1.70 -28.64 5.00
C ASP A 103 1.02 -27.52 4.18
N GLN A 104 -0.17 -27.09 4.59
CA GLN A 104 -0.80 -25.90 4.02
C GLN A 104 0.13 -24.69 4.10
N ILE A 105 0.72 -24.50 5.28
CA ILE A 105 1.61 -23.38 5.53
C ILE A 105 2.90 -23.52 4.73
N VAL A 106 3.47 -24.73 4.71
CA VAL A 106 4.67 -24.96 3.91
C VAL A 106 4.42 -24.65 2.43
N LEU A 107 3.29 -25.10 1.90
CA LEU A 107 2.97 -24.86 0.49
C LEU A 107 2.78 -23.37 0.22
N LEU A 108 2.03 -22.66 1.05
CA LEU A 108 1.84 -21.23 0.82
C LEU A 108 3.10 -20.41 1.07
N LYS A 109 3.85 -20.75 2.12
CA LYS A 109 5.03 -19.96 2.42
C LYS A 109 6.01 -20.04 1.25
N ALA A 110 6.13 -21.22 0.63
CA ALA A 110 7.02 -21.40 -0.53
C ALA A 110 6.40 -20.98 -1.88
N GLY A 111 5.09 -21.17 -2.02
CA GLY A 111 4.44 -21.00 -3.32
C GLY A 111 3.70 -19.72 -3.61
N ALA A 112 3.38 -18.96 -2.56
CA ALA A 112 2.54 -17.80 -2.73
C ALA A 112 3.21 -16.84 -3.70
N MET A 113 4.49 -16.54 -3.47
CA MET A 113 5.20 -15.61 -4.37
C MET A 113 5.36 -16.18 -5.81
N GLU A 114 5.58 -17.49 -5.92
CA GLU A 114 5.67 -18.12 -7.23
C GLU A 114 4.38 -17.96 -8.03
N VAL A 115 3.26 -18.14 -7.35
CA VAL A 115 1.97 -17.99 -8.01
C VAL A 115 1.76 -16.54 -8.42
N VAL A 116 2.14 -15.59 -7.56
CA VAL A 116 2.04 -14.18 -7.93
C VAL A 116 2.87 -13.85 -9.18
N LEU A 117 4.09 -14.36 -9.24
CA LEU A 117 4.97 -14.13 -10.38
C LEU A 117 4.38 -14.69 -11.68
N VAL A 118 3.69 -15.82 -11.58
CA VAL A 118 3.03 -16.39 -12.74
C VAL A 118 1.80 -15.56 -13.13
N ARG A 119 0.93 -15.25 -12.17
CA ARG A 119 -0.26 -14.42 -12.43
C ARG A 119 0.11 -13.08 -13.07
N MET A 120 1.28 -12.55 -12.73
CA MET A 120 1.69 -11.24 -13.19
C MET A 120 1.83 -11.17 -14.73
N CYS A 121 2.00 -12.30 -15.40
CA CYS A 121 2.17 -12.23 -16.85
C CYS A 121 0.89 -11.67 -17.50
N ARG A 122 -0.23 -11.73 -16.77
CA ARG A 122 -1.48 -11.16 -17.25
C ARG A 122 -1.38 -9.66 -17.44
N ALA A 123 -0.58 -9.04 -16.57
CA ALA A 123 -0.47 -7.60 -16.49
C ALA A 123 0.77 -7.13 -17.25
N TYR A 124 1.38 -8.03 -18.02
CA TYR A 124 2.56 -7.74 -18.83
C TYR A 124 2.24 -7.65 -20.32
N ASN A 125 2.70 -6.56 -20.95
CA ASN A 125 2.55 -6.31 -22.39
C ASN A 125 3.85 -6.60 -23.08
N ALA A 126 3.91 -7.73 -23.81
CA ALA A 126 5.13 -8.14 -24.51
C ALA A 126 5.44 -7.24 -25.70
N ASP A 127 4.46 -6.49 -26.18
CA ASP A 127 4.69 -5.67 -27.36
C ASP A 127 5.65 -4.52 -27.05
N ASN A 128 5.53 -3.93 -25.86
CA ASN A 128 6.37 -2.79 -25.48
C ASN A 128 7.11 -2.98 -24.16
N ARG A 129 7.09 -4.21 -23.65
CA ARG A 129 7.77 -4.59 -22.42
C ARG A 129 7.37 -3.69 -21.23
N THR A 130 6.07 -3.56 -21.01
CA THR A 130 5.55 -2.84 -19.85
C THR A 130 4.64 -3.68 -18.96
N VAL A 131 4.51 -3.21 -17.72
CA VAL A 131 3.67 -3.89 -16.76
C VAL A 131 2.68 -2.89 -16.15
N PHE A 132 1.52 -3.39 -15.75
CA PHE A 132 0.51 -2.58 -15.08
C PHE A 132 0.97 -2.34 -13.63
N PHE A 133 1.09 -1.07 -13.27
CA PHE A 133 1.57 -0.66 -11.94
C PHE A 133 0.89 0.67 -11.58
N GLU A 134 0.12 0.64 -10.50
CA GLU A 134 -0.51 1.84 -9.96
C GLU A 134 -1.25 2.64 -11.02
N GLY A 135 -2.02 1.95 -11.86
CA GLY A 135 -2.98 2.61 -12.72
C GLY A 135 -2.58 2.85 -14.17
N LYS A 136 -1.31 2.64 -14.51
CA LYS A 136 -0.87 2.75 -15.90
C LYS A 136 0.22 1.71 -16.17
N TYR A 137 0.62 1.58 -17.43
CA TYR A 137 1.68 0.66 -17.80
C TYR A 137 3.04 1.38 -17.84
N GLY A 138 4.08 0.75 -17.30
CA GLY A 138 5.42 1.29 -17.39
C GLY A 138 6.45 0.21 -17.58
N GLY A 139 7.64 0.60 -18.01
CA GLY A 139 8.74 -0.33 -18.23
C GLY A 139 9.54 -0.55 -16.96
N MET A 140 10.60 -1.34 -17.05
CA MET A 140 11.32 -1.70 -15.83
C MET A 140 12.08 -0.50 -15.23
N GLU A 141 12.24 0.57 -16.00
CA GLU A 141 12.90 1.77 -15.49
C GLU A 141 12.03 2.49 -14.44
N LEU A 142 10.75 2.15 -14.37
CA LEU A 142 9.85 2.68 -13.35
C LEU A 142 10.35 2.33 -11.94
N PHE A 143 11.07 1.22 -11.85
CA PHE A 143 11.41 0.61 -10.56
C PHE A 143 12.84 0.88 -10.14
N ARG A 144 13.49 1.83 -10.79
CA ARG A 144 14.90 2.08 -10.53
C ARG A 144 15.24 2.38 -9.06
N ALA A 145 14.34 3.03 -8.34
CA ALA A 145 14.66 3.47 -6.99
C ALA A 145 14.76 2.29 -6.02
N LEU A 146 14.27 1.13 -6.42
CA LEU A 146 14.39 -0.06 -5.58
C LEU A 146 15.85 -0.47 -5.39
N GLY A 147 16.70 -0.20 -6.38
CA GLY A 147 18.10 -0.58 -6.28
C GLY A 147 18.29 -2.08 -6.44
N CYS A 148 17.40 -2.73 -7.19
CA CYS A 148 17.60 -4.13 -7.57
C CYS A 148 17.29 -4.34 -9.05
N SER A 149 18.03 -3.62 -9.89
CA SER A 149 17.70 -3.55 -11.30
C SER A 149 17.87 -4.89 -12.00
N GLU A 150 18.81 -5.72 -11.53
CA GLU A 150 19.00 -7.02 -12.16
C GLU A 150 17.80 -7.95 -11.89
N LEU A 151 17.29 -7.95 -10.67
CA LEU A 151 16.12 -8.75 -10.36
C LEU A 151 14.90 -8.26 -11.14
N ILE A 152 14.70 -6.96 -11.21
CA ILE A 152 13.57 -6.42 -11.95
C ILE A 152 13.65 -6.86 -13.42
N SER A 153 14.84 -6.78 -14.01
CA SER A 153 15.00 -7.18 -15.41
C SER A 153 14.70 -8.67 -15.56
N SER A 154 15.14 -9.47 -14.59
CA SER A 154 14.85 -10.90 -14.61
C SER A 154 13.35 -11.22 -14.49
N ILE A 155 12.62 -10.45 -13.70
CA ILE A 155 11.17 -10.63 -13.59
C ILE A 155 10.47 -10.24 -14.91
N PHE A 156 10.89 -9.15 -15.52
CA PHE A 156 10.39 -8.76 -16.84
C PHE A 156 10.65 -9.84 -17.88
N ASP A 157 11.85 -10.43 -17.86
CA ASP A 157 12.17 -11.54 -18.74
C ASP A 157 11.29 -12.76 -18.48
N PHE A 158 11.01 -13.03 -17.21
CA PHE A 158 10.17 -14.18 -16.85
C PHE A 158 8.75 -13.98 -17.34
N SER A 159 8.20 -12.80 -17.06
CA SER A 159 6.89 -12.42 -17.52
C SER A 159 6.79 -12.51 -19.05
N HIS A 160 7.85 -12.08 -19.73
CA HIS A 160 7.90 -12.16 -21.19
C HIS A 160 7.91 -13.61 -21.65
N SER A 161 8.65 -14.48 -20.96
CA SER A 161 8.71 -15.88 -21.35
C SER A 161 7.31 -16.54 -21.21
N LEU A 162 6.57 -16.19 -20.15
CA LEU A 162 5.21 -16.70 -20.00
C LEU A 162 4.22 -16.07 -20.98
N SER A 163 4.39 -14.80 -21.27
CA SER A 163 3.48 -14.11 -22.17
C SER A 163 3.52 -14.76 -23.54
N ALA A 164 4.70 -15.24 -23.93
CA ALA A 164 4.86 -15.84 -25.25
C ALA A 164 4.03 -17.11 -25.42
N LEU A 165 3.63 -17.72 -24.31
CA LEU A 165 2.80 -18.93 -24.37
C LEU A 165 1.32 -18.59 -24.61
N HIS A 166 1.00 -17.30 -24.53
CA HIS A 166 -0.38 -16.79 -24.63
C HIS A 166 -1.42 -17.70 -23.98
N PHE A 167 -1.25 -17.85 -22.68
CA PHE A 167 -2.14 -18.59 -21.79
C PHE A 167 -3.55 -18.11 -21.81
N SER A 168 -4.47 -19.05 -21.79
CA SER A 168 -5.85 -18.73 -21.48
C SER A 168 -5.97 -18.58 -19.97
N GLU A 169 -7.06 -17.97 -19.52
CA GLU A 169 -7.29 -17.88 -18.09
C GLU A 169 -7.43 -19.28 -17.48
N ASP A 170 -8.06 -20.21 -18.19
CA ASP A 170 -8.19 -21.57 -17.66
C ASP A 170 -6.81 -22.22 -17.51
N GLU A 171 -5.91 -21.97 -18.47
CA GLU A 171 -4.56 -22.52 -18.37
C GLU A 171 -3.81 -21.92 -17.18
N ILE A 172 -4.01 -20.63 -16.91
CA ILE A 172 -3.39 -20.03 -15.72
C ILE A 172 -3.92 -20.65 -14.43
N ALA A 173 -5.24 -20.86 -14.33
CA ALA A 173 -5.84 -21.53 -13.20
C ALA A 173 -5.18 -22.90 -12.90
N LEU A 174 -5.05 -23.70 -13.94
CA LEU A 174 -4.61 -25.07 -13.78
C LEU A 174 -3.10 -25.12 -13.51
N TYR A 175 -2.33 -24.27 -14.20
CA TYR A 175 -0.89 -24.22 -13.99
C TYR A 175 -0.57 -23.67 -12.60
N THR A 176 -1.29 -22.63 -12.17
CA THR A 176 -0.93 -22.04 -10.88
C THR A 176 -1.35 -22.98 -9.75
N ALA A 177 -2.39 -23.76 -9.99
CA ALA A 177 -2.74 -24.80 -9.03
C ALA A 177 -1.55 -25.73 -8.81
N LEU A 178 -0.85 -26.11 -9.88
CA LEU A 178 0.31 -27.00 -9.74
C LEU A 178 1.54 -26.27 -9.19
N VAL A 179 1.67 -24.98 -9.48
CA VAL A 179 2.76 -24.21 -8.86
C VAL A 179 2.60 -24.25 -7.32
N LEU A 180 1.36 -24.11 -6.85
CA LEU A 180 1.09 -24.18 -5.41
C LEU A 180 1.23 -25.60 -4.83
N ILE A 181 0.57 -26.58 -5.46
CA ILE A 181 0.56 -27.93 -4.94
C ILE A 181 1.78 -28.69 -5.48
N ASN A 182 2.89 -28.48 -4.82
CA ASN A 182 4.20 -28.95 -5.22
C ASN A 182 4.70 -29.87 -4.12
N ALA A 183 4.70 -31.16 -4.41
CA ALA A 183 5.01 -32.17 -3.40
C ALA A 183 6.50 -32.23 -3.10
N HIS A 184 7.29 -31.38 -3.76
CA HIS A 184 8.72 -31.34 -3.51
C HIS A 184 9.18 -30.31 -2.48
N ARG A 185 8.27 -29.46 -1.99
CA ARG A 185 8.65 -28.44 -1.01
C ARG A 185 9.26 -29.09 0.23
N PRO A 186 10.47 -28.69 0.61
CA PRO A 186 10.99 -29.30 1.83
C PRO A 186 10.17 -28.89 3.05
N GLY A 187 9.92 -29.82 3.97
CA GLY A 187 9.20 -29.51 5.20
C GLY A 187 7.80 -30.07 5.28
N LEU A 188 7.32 -30.63 4.17
CA LEU A 188 6.05 -31.33 4.17
C LEU A 188 6.16 -32.52 5.09
N GLN A 189 5.18 -32.70 5.98
CA GLN A 189 5.13 -33.83 6.88
C GLN A 189 4.32 -35.00 6.33
N GLU A 190 3.38 -34.73 5.43
CA GLU A 190 2.56 -35.79 4.83
C GLU A 190 2.68 -35.72 3.31
N LYS A 191 3.90 -35.92 2.82
CA LYS A 191 4.24 -35.76 1.41
C LYS A 191 3.35 -36.59 0.50
N ARG A 192 3.00 -37.78 0.95
CA ARG A 192 2.17 -38.68 0.15
C ARG A 192 0.85 -38.02 -0.26
N LYS A 193 0.19 -37.31 0.65
CA LYS A 193 -1.07 -36.66 0.33
C LYS A 193 -0.89 -35.52 -0.67
N VAL A 194 0.22 -34.78 -0.57
CA VAL A 194 0.49 -33.73 -1.53
C VAL A 194 0.81 -34.35 -2.88
N GLU A 195 1.49 -35.49 -2.90
CA GLU A 195 1.79 -36.17 -4.15
C GLU A 195 0.51 -36.56 -4.88
N GLN A 196 -0.47 -37.03 -4.12
CA GLN A 196 -1.70 -37.49 -4.74
C GLN A 196 -2.50 -36.30 -5.29
N LEU A 197 -2.58 -35.22 -4.53
CA LEU A 197 -3.28 -34.02 -4.97
C LEU A 197 -2.61 -33.41 -6.20
N GLN A 198 -1.28 -33.35 -6.15
CA GLN A 198 -0.50 -32.91 -7.29
C GLN A 198 -0.74 -33.77 -8.54
N TYR A 199 -0.74 -35.09 -8.38
CA TYR A 199 -0.97 -35.96 -9.54
C TYR A 199 -2.35 -35.73 -10.14
N ASN A 200 -3.37 -35.63 -9.29
CA ASN A 200 -4.74 -35.40 -9.78
C ASN A 200 -4.84 -34.07 -10.52
N LEU A 201 -4.16 -33.05 -10.01
CA LEU A 201 -4.14 -31.75 -10.68
C LEU A 201 -3.34 -31.78 -11.98
N GLU A 202 -2.29 -32.59 -12.04
CA GLU A 202 -1.60 -32.87 -13.30
C GLU A 202 -2.52 -33.50 -14.34
N LEU A 203 -3.30 -34.50 -13.92
CA LEU A 203 -4.28 -35.15 -14.78
C LEU A 203 -5.31 -34.14 -15.30
N ALA A 204 -5.78 -33.26 -14.43
CA ALA A 204 -6.73 -32.22 -14.84
C ALA A 204 -6.09 -31.29 -15.87
N PHE A 205 -4.91 -30.78 -15.54
CA PHE A 205 -4.16 -29.90 -16.44
C PHE A 205 -3.99 -30.58 -17.79
N HIS A 206 -3.52 -31.82 -17.79
CA HIS A 206 -3.22 -32.49 -19.03
C HIS A 206 -4.47 -32.82 -19.85
N HIS A 207 -5.54 -33.23 -19.17
CA HIS A 207 -6.79 -33.52 -19.86
C HIS A 207 -7.27 -32.27 -20.61
N HIS A 208 -7.24 -31.14 -19.93
CA HIS A 208 -7.68 -29.88 -20.52
C HIS A 208 -6.78 -29.48 -21.72
N LEU A 209 -5.49 -29.64 -21.57
CA LEU A 209 -4.57 -29.34 -22.65
C LEU A 209 -4.77 -30.29 -23.84
N CYS A 210 -4.98 -31.57 -23.57
CA CYS A 210 -5.24 -32.52 -24.64
C CYS A 210 -6.54 -32.19 -25.39
N LYS A 211 -7.60 -31.86 -24.65
CA LYS A 211 -8.87 -31.48 -25.27
C LYS A 211 -8.78 -30.27 -26.19
N THR A 212 -7.90 -29.34 -25.83
CA THR A 212 -7.83 -28.03 -26.47
C THR A 212 -6.62 -27.91 -27.40
N HIS A 213 -5.95 -29.05 -27.65
CA HIS A 213 -4.81 -29.12 -28.56
C HIS A 213 -3.67 -28.22 -28.12
N ARG A 214 -3.46 -28.14 -26.81
CA ARG A 214 -2.47 -27.25 -26.25
C ARG A 214 -1.39 -27.95 -25.43
N GLN A 215 -1.23 -29.27 -25.63
CA GLN A 215 -0.23 -30.01 -24.86
C GLN A 215 1.17 -29.56 -25.23
N SER A 216 1.30 -28.86 -26.35
CA SER A 216 2.57 -28.25 -26.75
C SER A 216 3.18 -27.30 -25.70
N ILE A 217 2.38 -26.70 -24.84
CA ILE A 217 2.95 -25.72 -23.91
C ILE A 217 3.75 -26.37 -22.78
N LEU A 218 3.59 -27.69 -22.56
CA LEU A 218 4.26 -28.31 -21.42
C LEU A 218 5.78 -28.18 -21.50
N ALA A 219 6.32 -28.33 -22.71
CA ALA A 219 7.76 -28.30 -22.91
C ALA A 219 8.30 -26.88 -22.81
N LYS A 220 7.40 -25.90 -22.92
CA LYS A 220 7.79 -24.50 -22.91
C LYS A 220 7.63 -23.84 -21.54
N LEU A 221 7.06 -24.54 -20.58
CA LEU A 221 6.86 -23.95 -19.26
C LEU A 221 8.22 -23.67 -18.59
N PRO A 222 8.24 -22.69 -17.67
CA PRO A 222 9.45 -22.31 -16.94
C PRO A 222 10.23 -23.51 -16.45
N PRO A 223 11.55 -23.51 -16.67
CA PRO A 223 12.35 -24.66 -16.25
C PRO A 223 12.44 -24.82 -14.75
N LYS A 224 12.85 -26.01 -14.35
CA LYS A 224 13.14 -26.31 -12.95
C LYS A 224 14.18 -25.32 -12.45
N GLY A 225 13.83 -24.60 -11.40
CA GLY A 225 14.78 -23.70 -10.75
C GLY A 225 14.53 -22.24 -10.99
N LYS A 226 13.74 -21.92 -12.01
CA LYS A 226 13.64 -20.53 -12.41
C LYS A 226 12.77 -19.75 -11.39
N LEU A 227 11.63 -20.30 -11.00
CA LEU A 227 10.79 -19.63 -10.03
C LEU A 227 11.51 -19.56 -8.70
N ARG A 228 12.20 -20.66 -8.36
CA ARG A 228 13.03 -20.72 -7.17
C ARG A 228 14.06 -19.59 -7.15
N SER A 229 14.72 -19.37 -8.28
CA SER A 229 15.71 -18.31 -8.37
C SER A 229 15.10 -16.92 -8.15
N LEU A 230 13.97 -16.64 -8.78
CA LEU A 230 13.37 -15.33 -8.64
C LEU A 230 12.98 -15.10 -7.19
N CYS A 231 12.41 -16.10 -6.54
CA CYS A 231 11.98 -15.97 -5.17
C CYS A 231 13.16 -15.77 -4.21
N SER A 232 14.24 -16.51 -4.44
CA SER A 232 15.42 -16.40 -3.59
C SER A 232 16.05 -15.02 -3.74
N GLN A 233 16.02 -14.47 -4.94
CA GLN A 233 16.59 -13.15 -5.16
C GLN A 233 15.72 -12.07 -4.50
N HIS A 234 14.40 -12.24 -4.58
CA HIS A 234 13.49 -11.32 -3.90
C HIS A 234 13.85 -11.24 -2.40
N VAL A 235 13.97 -12.40 -1.77
CA VAL A 235 14.31 -12.46 -0.34
C VAL A 235 15.66 -11.80 -0.07
N GLU A 236 16.65 -12.07 -0.90
CA GLU A 236 17.97 -11.46 -0.74
C GLU A 236 17.93 -9.94 -0.89
N ARG A 237 17.26 -9.44 -1.92
CA ARG A 237 17.21 -8.00 -2.13
C ARG A 237 16.45 -7.33 -0.99
N LEU A 238 15.42 -7.99 -0.49
CA LEU A 238 14.70 -7.47 0.67
C LEU A 238 15.64 -7.35 1.88
N GLN A 239 16.48 -8.36 2.09
CA GLN A 239 17.37 -8.34 3.24
C GLN A 239 18.40 -7.23 3.08
N ILE A 240 18.85 -7.00 1.85
CA ILE A 240 19.76 -5.91 1.57
C ILE A 240 19.11 -4.57 1.94
N PHE A 241 17.87 -4.38 1.47
CA PHE A 241 17.14 -3.18 1.79
C PHE A 241 16.94 -3.00 3.31
N GLN A 242 16.52 -4.09 3.95
CA GLN A 242 16.18 -4.08 5.36
C GLN A 242 17.38 -3.75 6.23
N HIS A 243 18.57 -4.18 5.80
CA HIS A 243 19.75 -3.85 6.58
C HIS A 243 20.06 -2.35 6.47
N LEU A 244 19.72 -1.75 5.34
CA LEU A 244 19.93 -0.32 5.13
C LEU A 244 18.82 0.52 5.79
N HIS A 245 17.64 -0.09 5.96
CA HIS A 245 16.46 0.61 6.48
C HIS A 245 15.61 -0.29 7.40
N PRO A 246 16.15 -0.66 8.58
CA PRO A 246 15.48 -1.65 9.44
C PRO A 246 14.14 -1.18 10.00
N ILE A 247 14.08 0.10 10.32
CA ILE A 247 12.91 0.62 11.01
C ILE A 247 11.72 0.66 10.08
N VAL A 248 11.97 0.94 8.80
CA VAL A 248 10.88 1.12 7.84
C VAL A 248 10.08 -0.18 7.76
N VAL A 249 10.79 -1.29 7.71
CA VAL A 249 10.14 -2.58 7.58
C VAL A 249 9.29 -2.92 8.81
N GLN A 250 9.86 -2.72 10.00
CA GLN A 250 9.11 -2.95 11.23
C GLN A 250 7.91 -2.02 11.33
N ALA A 251 8.11 -0.76 10.95
CA ALA A 251 7.07 0.26 11.14
C ALA A 251 5.99 0.19 10.08
N ALA A 252 6.34 -0.12 8.85
CA ALA A 252 5.45 0.20 7.73
C ALA A 252 5.11 -0.95 6.78
N PHE A 253 5.89 -2.02 6.76
CA PHE A 253 5.63 -3.11 5.83
C PHE A 253 4.55 -4.04 6.37
N PRO A 254 3.79 -4.70 5.47
CA PRO A 254 2.76 -5.63 5.97
C PRO A 254 3.37 -6.77 6.75
N PRO A 255 2.80 -7.08 7.92
CA PRO A 255 3.35 -8.18 8.73
C PRO A 255 3.41 -9.51 7.99
N LEU A 256 2.43 -9.81 7.14
CA LEU A 256 2.46 -11.07 6.38
C LEU A 256 3.67 -11.10 5.46
N TYR A 257 4.01 -9.95 4.89
CA TYR A 257 5.14 -9.82 3.99
C TYR A 257 6.41 -10.13 4.76
N LYS A 258 6.53 -9.53 5.95
CA LYS A 258 7.70 -9.71 6.79
C LYS A 258 7.80 -11.19 7.16
N GLU A 259 6.65 -11.80 7.48
CA GLU A 259 6.60 -13.21 7.87
C GLU A 259 7.10 -14.13 6.76
N LEU A 260 6.66 -13.88 5.54
CA LEU A 260 6.98 -14.74 4.42
C LEU A 260 8.41 -14.55 3.88
N PHE A 261 8.95 -13.33 3.99
CA PHE A 261 10.19 -13.00 3.26
C PHE A 261 11.34 -12.48 4.12
N SER A 262 11.10 -12.10 5.37
CA SER A 262 12.19 -11.70 6.28
C SER A 262 12.66 -12.91 7.07
N GLY B 15 12.82 26.84 18.85
CA GLY B 15 12.23 27.96 19.56
C GLY B 15 11.95 27.62 21.03
N SER B 16 12.91 26.97 21.67
CA SER B 16 12.76 26.59 23.08
C SER B 16 13.19 27.71 24.03
N ALA B 17 13.87 28.72 23.50
CA ALA B 17 14.42 29.79 24.34
C ALA B 17 13.42 30.94 24.52
N PRO B 18 13.31 31.48 25.74
CA PRO B 18 12.35 32.57 26.02
C PRO B 18 12.81 33.92 25.47
N TYR B 19 11.87 34.84 25.29
CA TYR B 19 12.18 36.20 24.84
C TYR B 19 12.86 36.21 23.47
N ALA B 20 12.29 35.46 22.53
CA ALA B 20 12.80 35.41 21.18
C ALA B 20 12.81 36.80 20.53
N SER B 21 13.99 37.24 20.11
CA SER B 21 14.14 38.50 19.39
C SER B 21 13.42 38.47 18.04
N LEU B 22 13.28 39.64 17.42
CA LEU B 22 12.67 39.74 16.11
C LEU B 22 13.48 38.96 15.10
N THR B 23 14.81 39.06 15.18
CA THR B 23 15.69 38.31 14.27
C THR B 23 15.50 36.80 14.43
N GLU B 24 15.38 36.34 15.68
CA GLU B 24 15.12 34.93 15.96
C GLU B 24 13.75 34.48 15.46
N ILE B 25 12.75 35.35 15.57
CA ILE B 25 11.42 34.99 15.08
C ILE B 25 11.44 34.88 13.55
N GLU B 26 12.08 35.83 12.89
CA GLU B 26 12.29 35.77 11.44
C GLU B 26 13.04 34.52 11.01
N HIS B 27 14.08 34.14 11.76
CA HIS B 27 14.82 32.94 11.43
C HIS B 27 13.95 31.70 11.65
N LEU B 28 13.08 31.73 12.64
CA LEU B 28 12.21 30.59 12.92
C LEU B 28 11.20 30.40 11.79
N VAL B 29 10.67 31.50 11.26
CA VAL B 29 9.76 31.42 10.11
C VAL B 29 10.44 30.65 8.99
N GLN B 30 11.68 31.03 8.67
CA GLN B 30 12.38 30.40 7.56
C GLN B 30 12.74 28.95 7.87
N SER B 31 13.07 28.66 9.12
CA SER B 31 13.39 27.30 9.54
C SER B 31 12.18 26.38 9.33
N VAL B 32 11.03 26.84 9.77
CA VAL B 32 9.83 26.02 9.71
C VAL B 32 9.42 25.78 8.27
N CYS B 33 9.50 26.83 7.45
CA CYS B 33 9.14 26.70 6.06
C CYS B 33 10.07 25.73 5.33
N LYS B 34 11.35 25.78 5.68
CA LYS B 34 12.34 24.87 5.10
C LYS B 34 12.07 23.43 5.50
N SER B 35 11.74 23.21 6.78
CA SER B 35 11.44 21.88 7.29
C SER B 35 10.23 21.29 6.58
N TYR B 36 9.22 22.12 6.39
CA TYR B 36 8.02 21.73 5.64
C TYR B 36 8.34 21.41 4.19
N ARG B 37 9.05 22.32 3.53
CA ARG B 37 9.41 22.10 2.13
C ARG B 37 10.09 20.76 1.91
N GLU B 38 10.99 20.40 2.83
CA GLU B 38 11.81 19.19 2.69
C GLU B 38 11.06 17.89 3.05
N THR B 39 9.82 18.01 3.54
CA THR B 39 9.08 16.86 4.00
C THR B 39 7.62 16.94 3.55
N CYS B 40 7.34 17.74 2.53
CA CYS B 40 5.95 18.02 2.13
C CYS B 40 5.33 16.88 1.33
N GLN B 41 6.12 15.82 1.13
CA GLN B 41 5.71 14.58 0.47
C GLN B 41 5.61 14.76 -1.04
N LEU B 42 4.58 15.45 -1.51
CA LEU B 42 4.47 15.76 -2.94
C LEU B 42 4.57 17.26 -3.15
N ARG B 43 5.37 17.66 -4.15
CA ARG B 43 5.47 19.05 -4.54
C ARG B 43 4.12 19.49 -5.06
N LEU B 44 3.76 20.73 -4.73
CA LEU B 44 2.49 21.30 -5.14
C LEU B 44 2.38 21.31 -6.66
N GLU B 45 3.51 21.60 -7.32
CA GLU B 45 3.56 21.65 -8.77
C GLU B 45 3.11 20.35 -9.42
N ASP B 46 3.53 19.24 -8.84
CA ASP B 46 3.15 17.92 -9.36
C ASP B 46 1.66 17.66 -9.12
N LEU B 47 1.19 18.01 -7.94
CA LEU B 47 -0.23 17.87 -7.63
C LEU B 47 -1.10 18.65 -8.60
N LEU B 48 -0.74 19.91 -8.84
CA LEU B 48 -1.52 20.77 -9.73
C LEU B 48 -1.42 20.28 -11.18
N ARG B 49 -0.27 19.76 -11.56
CA ARG B 49 -0.06 19.29 -12.94
C ARG B 49 -0.92 18.07 -13.25
N GLN B 50 -1.12 17.23 -12.25
CA GLN B 50 -1.83 15.96 -12.41
C GLN B 50 -3.34 16.09 -12.32
N ARG B 51 -3.85 17.31 -12.21
CA ARG B 51 -5.28 17.54 -12.09
C ARG B 51 -6.07 17.08 -13.32
N SER B 52 -5.35 16.96 -14.44
CA SER B 52 -5.91 16.49 -15.70
C SER B 52 -5.92 14.97 -15.78
N ASN B 53 -5.25 14.36 -14.81
CA ASN B 53 -5.18 12.91 -14.68
C ASN B 53 -6.33 12.45 -13.77
N ILE B 54 -7.47 12.08 -14.35
CA ILE B 54 -8.64 11.70 -13.56
C ILE B 54 -9.08 10.28 -13.81
N PHE B 55 -9.67 9.66 -12.80
CA PHE B 55 -10.15 8.28 -12.95
C PHE B 55 -11.30 8.23 -13.95
N SER B 56 -11.23 7.24 -14.84
CA SER B 56 -12.29 7.03 -15.82
C SER B 56 -13.49 6.45 -15.12
N ARG B 57 -14.64 6.46 -15.79
CA ARG B 57 -15.85 5.89 -15.22
C ARG B 57 -15.64 4.42 -14.90
N GLU B 58 -14.92 3.71 -15.76
CA GLU B 58 -14.67 2.29 -15.55
C GLU B 58 -13.79 2.08 -14.31
N GLU B 59 -12.81 2.96 -14.15
CA GLU B 59 -11.90 2.88 -13.00
C GLU B 59 -12.66 3.15 -11.71
N VAL B 60 -13.57 4.11 -11.74
CA VAL B 60 -14.41 4.38 -10.58
C VAL B 60 -15.25 3.17 -10.25
N THR B 61 -15.85 2.56 -11.27
CA THR B 61 -16.66 1.36 -11.08
C THR B 61 -15.80 0.28 -10.46
N GLY B 62 -14.56 0.17 -10.92
CA GLY B 62 -13.61 -0.79 -10.39
C GLY B 62 -13.29 -0.58 -8.91
N TYR B 63 -13.11 0.67 -8.51
CA TYR B 63 -12.86 0.96 -7.10
C TYR B 63 -14.09 0.63 -6.27
N GLN B 64 -15.26 0.93 -6.81
CA GLN B 64 -16.51 0.66 -6.11
C GLN B 64 -16.76 -0.84 -5.97
N ARG B 65 -16.16 -1.62 -6.85
CA ARG B 65 -16.30 -3.08 -6.86
C ARG B 65 -15.37 -3.76 -5.86
N LYS B 66 -14.37 -3.02 -5.38
CA LYS B 66 -13.37 -3.62 -4.52
C LYS B 66 -13.98 -4.06 -3.21
N SER B 67 -13.45 -5.16 -2.69
CA SER B 67 -13.77 -5.60 -1.34
C SER B 67 -13.47 -4.49 -0.35
N MET B 68 -14.24 -4.47 0.73
CA MET B 68 -14.01 -3.53 1.81
C MET B 68 -12.59 -3.67 2.34
N TRP B 69 -12.11 -4.91 2.51
CA TRP B 69 -10.79 -5.10 3.10
C TRP B 69 -9.70 -4.56 2.18
N GLU B 70 -9.85 -4.76 0.88
CA GLU B 70 -8.81 -4.26 0.00
C GLU B 70 -8.75 -2.74 -0.01
N MET B 71 -9.92 -2.09 0.00
CA MET B 71 -9.92 -0.63 -0.02
C MET B 71 -9.39 -0.05 1.27
N TRP B 72 -9.75 -0.64 2.40
CA TRP B 72 -9.21 -0.15 3.67
C TRP B 72 -7.71 -0.33 3.75
N GLU B 73 -7.23 -1.48 3.28
CA GLU B 73 -5.80 -1.76 3.29
C GLU B 73 -5.01 -0.73 2.46
N ARG B 74 -5.54 -0.38 1.29
CA ARG B 74 -4.91 0.65 0.46
C ARG B 74 -4.86 1.99 1.17
N CYS B 75 -6.00 2.40 1.70
CA CYS B 75 -6.09 3.70 2.38
C CYS B 75 -5.19 3.73 3.61
N ALA B 76 -5.13 2.59 4.33
CA ALA B 76 -4.26 2.52 5.51
C ALA B 76 -2.81 2.73 5.10
N HIS B 77 -2.40 2.11 4.01
N HIS B 77 -2.41 2.13 3.98
CA HIS B 77 -1.05 2.30 3.47
CA HIS B 77 -1.05 2.26 3.42
C HIS B 77 -0.78 3.76 3.12
C HIS B 77 -0.72 3.69 2.98
N HIS B 78 -1.69 4.37 2.39
CA HIS B 78 -1.49 5.76 1.99
C HIS B 78 -1.46 6.69 3.20
N LEU B 79 -2.36 6.49 4.15
CA LEU B 79 -2.30 7.27 5.40
C LEU B 79 -0.97 7.09 6.13
N THR B 80 -0.46 5.87 6.13
CA THR B 80 0.78 5.57 6.85
C THR B 80 1.95 6.30 6.18
N GLU B 81 2.00 6.23 4.85
CA GLU B 81 2.99 6.97 4.08
C GLU B 81 2.96 8.47 4.43
N ALA B 82 1.76 9.06 4.46
CA ALA B 82 1.63 10.48 4.74
C ALA B 82 2.08 10.79 6.17
N ILE B 83 1.76 9.90 7.10
CA ILE B 83 2.20 10.03 8.49
C ILE B 83 3.73 9.95 8.62
N GLN B 84 4.34 9.04 7.85
CA GLN B 84 5.79 8.93 7.90
C GLN B 84 6.47 10.27 7.52
N TYR B 85 5.89 11.00 6.58
CA TYR B 85 6.45 12.32 6.24
C TYR B 85 6.21 13.34 7.35
N VAL B 86 5.07 13.24 8.04
CA VAL B 86 4.80 14.14 9.16
C VAL B 86 5.80 13.85 10.29
N VAL B 87 6.16 12.60 10.47
CA VAL B 87 7.14 12.28 11.49
C VAL B 87 8.47 12.94 11.12
N GLU B 88 8.85 12.86 9.85
CA GLU B 88 10.12 13.45 9.43
C GLU B 88 10.07 14.98 9.54
N PHE B 89 8.89 15.55 9.31
CA PHE B 89 8.66 16.99 9.51
C PHE B 89 8.93 17.38 10.96
N ALA B 90 8.36 16.60 11.89
CA ALA B 90 8.54 16.86 13.30
C ALA B 90 10.01 16.77 13.69
N LYS B 91 10.69 15.75 13.19
CA LYS B 91 12.10 15.54 13.52
C LYS B 91 12.97 16.70 13.05
N ARG B 92 12.57 17.38 11.98
CA ARG B 92 13.35 18.51 11.47
C ARG B 92 12.88 19.84 12.06
N LEU B 93 11.75 19.80 12.75
CA LEU B 93 11.13 21.02 13.26
C LEU B 93 11.92 21.58 14.42
N SER B 94 12.20 22.87 14.34
CA SER B 94 12.97 23.56 15.37
C SER B 94 12.46 23.23 16.76
N GLY B 95 13.35 22.74 17.62
CA GLY B 95 13.02 22.52 19.02
C GLY B 95 12.29 21.21 19.34
N PHE B 96 11.85 20.48 18.34
CA PHE B 96 11.11 19.25 18.61
C PHE B 96 12.01 18.15 19.18
N MET B 97 13.16 17.94 18.55
CA MET B 97 14.04 16.86 19.01
C MET B 97 14.74 17.23 20.32
N GLU B 98 14.62 18.49 20.71
CA GLU B 98 15.10 18.92 22.03
C GLU B 98 14.16 18.47 23.13
N LEU B 99 12.91 18.17 22.76
CA LEU B 99 11.93 17.69 23.72
C LEU B 99 12.31 16.30 24.14
N CYS B 100 11.78 15.86 25.28
CA CYS B 100 12.05 14.51 25.73
C CYS B 100 11.19 13.55 24.90
N GLN B 101 11.67 12.32 24.81
CA GLN B 101 11.07 11.29 23.98
C GLN B 101 9.59 11.10 24.29
N ASN B 102 9.24 11.09 25.58
CA ASN B 102 7.83 10.95 25.97
C ASN B 102 6.97 12.00 25.27
N ASP B 103 7.33 13.26 25.40
CA ASP B 103 6.55 14.36 24.80
C ASP B 103 6.53 14.31 23.26
N GLN B 104 7.63 13.87 22.64
CA GLN B 104 7.67 13.72 21.20
C GLN B 104 6.59 12.74 20.75
N ILE B 105 6.49 11.65 21.51
CA ILE B 105 5.53 10.59 21.22
C ILE B 105 4.10 11.05 21.48
N VAL B 106 3.87 11.73 22.61
CA VAL B 106 2.56 12.31 22.90
C VAL B 106 2.09 13.24 21.77
N LEU B 107 2.97 14.13 21.32
CA LEU B 107 2.59 15.10 20.30
C LEU B 107 2.27 14.43 18.97
N LEU B 108 3.07 13.45 18.55
CA LEU B 108 2.82 12.80 17.26
C LEU B 108 1.59 11.90 17.27
N LYS B 109 1.41 11.17 18.38
CA LYS B 109 0.28 10.26 18.51
C LYS B 109 -1.03 11.03 18.38
N ALA B 110 -1.09 12.22 18.98
CA ALA B 110 -2.28 13.04 18.96
C ALA B 110 -2.37 13.88 17.68
N GLY B 111 -1.21 14.26 17.14
CA GLY B 111 -1.17 15.29 16.10
C GLY B 111 -0.87 14.85 14.69
N ALA B 112 -0.29 13.67 14.50
CA ALA B 112 0.15 13.26 13.17
C ALA B 112 -1.02 13.18 12.17
N MET B 113 -2.12 12.56 12.59
CA MET B 113 -3.27 12.44 11.72
C MET B 113 -3.87 13.81 11.46
N GLU B 114 -3.86 14.65 12.48
CA GLU B 114 -4.38 16.00 12.32
C GLU B 114 -3.57 16.76 11.25
N VAL B 115 -2.24 16.60 11.25
CA VAL B 115 -1.41 17.29 10.27
C VAL B 115 -1.69 16.73 8.86
N VAL B 116 -1.87 15.42 8.77
CA VAL B 116 -2.17 14.78 7.49
C VAL B 116 -3.47 15.33 6.91
N LEU B 117 -4.49 15.44 7.76
CA LEU B 117 -5.78 15.98 7.31
C LEU B 117 -5.65 17.43 6.79
N VAL B 118 -4.79 18.24 7.42
CA VAL B 118 -4.57 19.61 6.96
C VAL B 118 -3.79 19.59 5.64
N ARG B 119 -2.71 18.81 5.57
CA ARG B 119 -1.93 18.70 4.33
C ARG B 119 -2.78 18.28 3.13
N MET B 120 -3.78 17.44 3.37
CA MET B 120 -4.58 16.89 2.29
C MET B 120 -5.32 17.95 1.48
N CYS B 121 -5.50 19.16 2.02
CA CYS B 121 -6.22 20.18 1.24
C CYS B 121 -5.43 20.56 -0.02
N ARG B 122 -4.12 20.32 0.00
CA ARG B 122 -3.25 20.53 -1.15
C ARG B 122 -3.64 19.67 -2.33
N ALA B 123 -4.13 18.48 -2.02
CA ALA B 123 -4.43 17.44 -3.00
C ALA B 123 -5.93 17.45 -3.34
N TYR B 124 -6.62 18.48 -2.88
CA TYR B 124 -8.02 18.69 -3.14
C TYR B 124 -8.23 19.75 -4.23
N ASN B 125 -9.08 19.43 -5.21
CA ASN B 125 -9.36 20.37 -6.31
C ASN B 125 -10.80 20.83 -6.26
N ALA B 126 -11.00 22.05 -5.78
CA ALA B 126 -12.34 22.60 -5.64
C ALA B 126 -13.05 22.73 -6.99
N ASP B 127 -12.29 22.78 -8.09
CA ASP B 127 -12.92 23.00 -9.41
C ASP B 127 -13.83 21.84 -9.81
N ASN B 128 -13.47 20.61 -9.41
CA ASN B 128 -14.32 19.44 -9.69
C ASN B 128 -14.61 18.59 -8.45
N ARG B 129 -14.25 19.10 -7.28
CA ARG B 129 -14.52 18.41 -6.01
C ARG B 129 -13.87 17.03 -5.97
N THR B 130 -12.60 16.95 -6.36
CA THR B 130 -11.88 15.69 -6.37
C THR B 130 -10.64 15.74 -5.48
N VAL B 131 -10.10 14.57 -5.15
CA VAL B 131 -8.87 14.46 -4.39
C VAL B 131 -7.90 13.57 -5.16
N PHE B 132 -6.62 13.82 -4.93
CA PHE B 132 -5.57 13.03 -5.55
C PHE B 132 -5.46 11.72 -4.78
N PHE B 133 -5.69 10.61 -5.49
CA PHE B 133 -5.64 9.29 -4.88
C PHE B 133 -5.05 8.28 -5.86
N GLU B 134 -3.96 7.66 -5.46
CA GLU B 134 -3.31 6.63 -6.25
C GLU B 134 -3.07 7.08 -7.70
N GLY B 135 -2.49 8.28 -7.84
CA GLY B 135 -1.97 8.73 -9.13
C GLY B 135 -2.91 9.57 -9.96
N LYS B 136 -4.18 9.60 -9.58
CA LYS B 136 -5.20 10.33 -10.34
C LYS B 136 -6.22 10.99 -9.41
N TYR B 137 -7.08 11.82 -9.96
CA TYR B 137 -8.10 12.52 -9.18
C TYR B 137 -9.45 11.83 -9.26
N GLY B 138 -10.11 11.71 -8.12
CA GLY B 138 -11.46 11.15 -8.05
C GLY B 138 -12.33 11.81 -7.00
N GLY B 139 -13.64 11.71 -7.20
CA GLY B 139 -14.61 12.25 -6.26
C GLY B 139 -14.82 11.31 -5.08
N MET B 140 -15.71 11.70 -4.17
CA MET B 140 -15.88 10.91 -2.96
C MET B 140 -16.49 9.54 -3.23
N GLU B 141 -17.12 9.37 -4.40
CA GLU B 141 -17.71 8.09 -4.78
C GLU B 141 -16.64 7.00 -5.01
N LEU B 142 -15.39 7.43 -5.18
CA LEU B 142 -14.24 6.53 -5.30
C LEU B 142 -14.13 5.59 -4.10
N PHE B 143 -14.62 6.06 -2.95
CA PHE B 143 -14.35 5.45 -1.65
C PHE B 143 -15.52 4.66 -1.07
N ARG B 144 -16.50 4.37 -1.92
CA ARG B 144 -17.74 3.71 -1.51
C ARG B 144 -17.51 2.38 -0.81
N ALA B 145 -16.52 1.63 -1.25
CA ALA B 145 -16.28 0.30 -0.71
C ALA B 145 -15.82 0.30 0.75
N LEU B 146 -15.37 1.45 1.26
CA LEU B 146 -14.93 1.53 2.66
C LEU B 146 -16.08 1.32 3.65
N GLY B 147 -17.29 1.73 3.27
CA GLY B 147 -18.44 1.60 4.14
C GLY B 147 -18.39 2.63 5.27
N CYS B 148 -17.79 3.79 4.98
CA CYS B 148 -17.79 4.90 5.94
C CYS B 148 -18.03 6.23 5.22
N SER B 149 -19.11 6.30 4.43
N SER B 149 -19.12 6.27 4.45
CA SER B 149 -19.27 7.44 3.53
CA SER B 149 -19.38 7.41 3.56
C SER B 149 -19.65 8.76 4.25
C SER B 149 -19.54 8.74 4.31
N GLU B 150 -20.10 8.69 5.50
CA GLU B 150 -20.31 9.91 6.29
C GLU B 150 -18.94 10.54 6.62
N LEU B 151 -17.99 9.72 7.05
CA LEU B 151 -16.62 10.19 7.29
C LEU B 151 -15.97 10.74 6.03
N ILE B 152 -16.08 10.01 4.93
CA ILE B 152 -15.46 10.45 3.69
C ILE B 152 -16.03 11.82 3.30
N SER B 153 -17.35 11.99 3.43
CA SER B 153 -17.97 13.26 3.11
CA SER B 153 -18.00 13.26 3.13
C SER B 153 -17.49 14.39 4.03
N SER B 154 -17.31 14.09 5.31
CA SER B 154 -16.77 15.06 6.27
C SER B 154 -15.34 15.44 5.94
N ILE B 155 -14.57 14.49 5.44
CA ILE B 155 -13.18 14.82 5.07
C ILE B 155 -13.15 15.67 3.82
N PHE B 156 -14.04 15.39 2.85
CA PHE B 156 -14.10 16.21 1.66
C PHE B 156 -14.52 17.63 2.03
N ASP B 157 -15.49 17.76 2.93
CA ASP B 157 -15.98 19.05 3.39
C ASP B 157 -14.87 19.81 4.08
N PHE B 158 -14.06 19.10 4.86
CA PHE B 158 -13.00 19.75 5.62
C PHE B 158 -11.95 20.28 4.66
N SER B 159 -11.54 19.43 3.71
CA SER B 159 -10.61 19.85 2.66
C SER B 159 -11.13 21.04 1.88
N HIS B 160 -12.41 21.03 1.54
CA HIS B 160 -13.03 22.17 0.85
C HIS B 160 -12.96 23.44 1.69
N SER B 161 -13.27 23.33 3.00
CA SER B 161 -13.20 24.49 3.88
C SER B 161 -11.77 25.04 3.98
N LEU B 162 -10.77 24.17 3.92
CA LEU B 162 -9.38 24.66 3.95
C LEU B 162 -8.96 25.23 2.59
N SER B 163 -9.38 24.61 1.50
CA SER B 163 -9.09 25.18 0.18
C SER B 163 -9.65 26.58 0.07
N ALA B 164 -10.74 26.85 0.77
CA ALA B 164 -11.37 28.17 0.72
C ALA B 164 -10.50 29.24 1.42
N LEU B 165 -9.49 28.83 2.17
CA LEU B 165 -8.60 29.78 2.85
C LEU B 165 -7.46 30.19 1.92
N HIS B 166 -7.26 29.38 0.88
CA HIS B 166 -6.24 29.63 -0.13
C HIS B 166 -4.86 29.82 0.47
N PHE B 167 -4.49 28.85 1.31
CA PHE B 167 -3.17 28.80 1.91
C PHE B 167 -2.06 28.87 0.91
N SER B 168 -0.98 29.56 1.27
CA SER B 168 0.28 29.41 0.59
C SER B 168 1.01 28.22 1.19
N GLU B 169 2.09 27.75 0.56
CA GLU B 169 2.85 26.65 1.15
C GLU B 169 3.45 27.07 2.50
N ASP B 170 3.94 28.30 2.59
CA ASP B 170 4.50 28.80 3.85
C ASP B 170 3.45 28.85 4.97
N GLU B 171 2.21 29.21 4.64
CA GLU B 171 1.16 29.23 5.62
C GLU B 171 0.85 27.83 6.14
N ILE B 172 0.85 26.86 5.23
CA ILE B 172 0.67 25.48 5.64
C ILE B 172 1.81 25.02 6.53
N ALA B 173 3.04 25.40 6.21
CA ALA B 173 4.18 25.02 7.04
C ALA B 173 3.99 25.52 8.48
N LEU B 174 3.66 26.78 8.62
CA LEU B 174 3.57 27.41 9.93
C LEU B 174 2.35 26.94 10.70
N TYR B 175 1.21 26.82 10.01
CA TYR B 175 0.00 26.32 10.63
C TYR B 175 0.14 24.86 11.10
N THR B 176 0.72 23.99 10.27
CA THR B 176 0.84 22.59 10.67
C THR B 176 1.87 22.40 11.79
N ALA B 177 2.85 23.30 11.88
CA ALA B 177 3.80 23.23 12.99
C ALA B 177 3.04 23.40 14.29
N LEU B 178 2.05 24.30 14.27
CA LEU B 178 1.25 24.60 15.46
C LEU B 178 0.19 23.53 15.72
N VAL B 179 -0.31 22.89 14.67
CA VAL B 179 -1.18 21.71 14.86
C VAL B 179 -0.44 20.64 15.66
N LEU B 180 0.85 20.46 15.34
CA LEU B 180 1.67 19.48 16.03
C LEU B 180 2.13 19.95 17.42
N ILE B 181 2.66 21.17 17.51
CA ILE B 181 3.21 21.64 18.79
C ILE B 181 2.10 22.31 19.57
N ASN B 182 1.36 21.47 20.28
CA ASN B 182 0.21 21.84 21.05
C ASN B 182 0.48 21.46 22.51
N ALA B 183 0.70 22.47 23.35
CA ALA B 183 1.04 22.25 24.76
C ALA B 183 -0.15 21.76 25.59
N HIS B 184 -1.33 21.69 24.98
CA HIS B 184 -2.53 21.24 25.70
C HIS B 184 -2.75 19.72 25.65
N ARG B 185 -1.97 19.02 24.82
CA ARG B 185 -2.14 17.58 24.69
C ARG B 185 -1.90 16.91 26.06
N PRO B 186 -2.85 16.07 26.51
CA PRO B 186 -2.62 15.37 27.79
C PRO B 186 -1.43 14.40 27.73
N GLY B 187 -0.65 14.35 28.82
CA GLY B 187 0.43 13.38 28.94
C GLY B 187 1.82 13.95 28.76
N LEU B 188 1.91 15.25 28.46
CA LEU B 188 3.21 15.91 28.38
C LEU B 188 3.89 15.95 29.76
N GLN B 189 5.18 15.65 29.79
CA GLN B 189 5.98 15.74 31.01
C GLN B 189 6.60 17.15 31.15
N GLU B 190 7.34 17.58 30.13
CA GLU B 190 7.97 18.91 30.14
C GLU B 190 7.07 19.96 29.46
N LYS B 191 5.87 20.16 30.02
CA LYS B 191 4.88 21.06 29.45
C LYS B 191 5.36 22.50 29.24
N ARG B 192 6.17 23.02 30.16
CA ARG B 192 6.65 24.40 30.04
C ARG B 192 7.51 24.56 28.79
N LYS B 193 8.29 23.53 28.49
CA LYS B 193 9.18 23.58 27.32
C LYS B 193 8.36 23.61 26.04
N VAL B 194 7.25 22.86 26.02
CA VAL B 194 6.36 22.80 24.87
C VAL B 194 5.58 24.10 24.73
N GLU B 195 5.15 24.68 25.84
CA GLU B 195 4.46 25.97 25.81
C GLU B 195 5.36 27.02 25.22
N GLN B 196 6.63 27.00 25.60
CA GLN B 196 7.57 28.01 25.13
C GLN B 196 7.74 27.83 23.63
N LEU B 197 7.79 26.57 23.22
CA LEU B 197 7.98 26.21 21.83
C LEU B 197 6.77 26.61 21.00
N GLN B 198 5.58 26.27 21.48
CA GLN B 198 4.33 26.70 20.86
C GLN B 198 4.26 28.19 20.70
N TYR B 199 4.61 28.91 21.76
CA TYR B 199 4.51 30.37 21.73
C TYR B 199 5.38 30.98 20.63
N ASN B 200 6.61 30.49 20.54
CA ASN B 200 7.55 31.01 19.57
C ASN B 200 7.06 30.69 18.14
N LEU B 201 6.48 29.52 17.95
CA LEU B 201 5.91 29.18 16.65
C LEU B 201 4.70 30.04 16.31
N GLU B 202 3.95 30.43 17.34
CA GLU B 202 2.82 31.33 17.16
C GLU B 202 3.33 32.72 16.76
N LEU B 203 4.40 33.18 17.40
CA LEU B 203 4.99 34.46 17.02
C LEU B 203 5.49 34.43 15.58
N ALA B 204 6.14 33.35 15.20
CA ALA B 204 6.58 33.15 13.83
C ALA B 204 5.40 33.20 12.86
N PHE B 205 4.38 32.37 13.11
CA PHE B 205 3.17 32.35 12.28
C PHE B 205 2.62 33.76 12.12
N HIS B 206 2.41 34.41 13.26
CA HIS B 206 1.81 35.73 13.23
C HIS B 206 2.71 36.77 12.57
N HIS B 207 4.02 36.68 12.74
CA HIS B 207 4.92 37.63 12.06
C HIS B 207 4.80 37.51 10.54
N HIS B 208 4.79 36.27 10.06
CA HIS B 208 4.66 36.01 8.63
C HIS B 208 3.33 36.52 8.10
N LEU B 209 2.24 36.28 8.84
CA LEU B 209 0.92 36.74 8.42
C LEU B 209 0.85 38.26 8.42
N CYS B 210 1.47 38.88 9.42
CA CYS B 210 1.52 40.34 9.48
C CYS B 210 2.22 40.92 8.24
N LYS B 211 3.38 40.36 7.92
CA LYS B 211 4.19 40.84 6.82
C LYS B 211 3.50 40.67 5.47
N THR B 212 2.60 39.70 5.38
CA THR B 212 1.91 39.40 4.12
C THR B 212 0.45 39.81 4.14
N HIS B 213 0.06 40.58 5.15
CA HIS B 213 -1.33 41.03 5.34
C HIS B 213 -2.34 39.90 5.26
N ARG B 214 -2.09 38.86 6.03
CA ARG B 214 -2.95 37.70 6.04
C ARG B 214 -3.38 37.32 7.47
N GLN B 215 -3.27 38.24 8.42
CA GLN B 215 -3.70 37.92 9.79
C GLN B 215 -5.22 37.67 9.82
N SER B 216 -5.93 38.17 8.81
CA SER B 216 -7.37 37.94 8.74
C SER B 216 -7.75 36.45 8.71
N ILE B 217 -6.83 35.58 8.32
CA ILE B 217 -7.18 34.16 8.21
C ILE B 217 -7.23 33.44 9.57
N LEU B 218 -6.66 34.03 10.62
CA LEU B 218 -6.65 33.36 11.90
C LEU B 218 -8.07 33.04 12.36
N ALA B 219 -8.97 34.01 12.22
CA ALA B 219 -10.34 33.83 12.68
C ALA B 219 -11.08 32.71 11.93
N LYS B 220 -10.57 32.34 10.75
CA LYS B 220 -11.25 31.39 9.89
C LYS B 220 -10.61 30.00 9.90
N LEU B 221 -9.61 29.82 10.76
CA LEU B 221 -8.99 28.50 10.88
C LEU B 221 -9.95 27.52 11.56
N PRO B 222 -9.78 26.22 11.28
CA PRO B 222 -10.63 25.16 11.86
C PRO B 222 -10.86 25.34 13.35
N PRO B 223 -12.13 25.27 13.79
CA PRO B 223 -12.43 25.46 15.21
C PRO B 223 -11.77 24.42 16.11
N LYS B 224 -11.70 24.76 17.39
CA LYS B 224 -11.21 23.88 18.43
C LYS B 224 -12.15 22.68 18.53
N GLY B 225 -11.68 21.53 18.06
CA GLY B 225 -12.44 20.30 18.17
C GLY B 225 -12.80 19.67 16.84
N LYS B 226 -12.71 20.44 15.76
CA LYS B 226 -13.03 19.93 14.45
C LYS B 226 -12.03 18.84 14.01
N LEU B 227 -10.73 19.16 14.10
CA LEU B 227 -9.70 18.18 13.78
C LEU B 227 -9.81 16.97 14.69
N ARG B 228 -10.11 17.20 15.97
CA ARG B 228 -10.23 16.10 16.91
C ARG B 228 -11.37 15.18 16.55
N SER B 229 -12.49 15.75 16.14
CA SER B 229 -13.65 14.96 15.73
C SER B 229 -13.37 14.08 14.52
N LEU B 230 -12.69 14.63 13.51
CA LEU B 230 -12.35 13.85 12.34
C LEU B 230 -11.47 12.65 12.72
N CYS B 231 -10.51 12.88 13.61
CA CYS B 231 -9.61 11.81 14.03
C CYS B 231 -10.37 10.76 14.83
N SER B 232 -11.26 11.22 15.69
CA SER B 232 -12.08 10.30 16.48
C SER B 232 -12.95 9.43 15.58
N GLN B 233 -13.58 10.04 14.57
CA GLN B 233 -14.40 9.30 13.63
C GLN B 233 -13.58 8.27 12.83
N HIS B 234 -12.35 8.60 12.48
CA HIS B 234 -11.49 7.65 11.76
C HIS B 234 -11.27 6.40 12.62
N VAL B 235 -10.94 6.61 13.89
CA VAL B 235 -10.72 5.49 14.81
C VAL B 235 -12.00 4.65 14.98
N GLU B 236 -13.14 5.32 15.10
CA GLU B 236 -14.44 4.65 15.18
C GLU B 236 -14.74 3.80 13.93
N ARG B 237 -14.49 4.33 12.74
CA ARG B 237 -14.78 3.60 11.52
C ARG B 237 -13.78 2.46 11.33
N LEU B 238 -12.55 2.67 11.78
CA LEU B 238 -11.56 1.61 11.72
C LEU B 238 -12.01 0.46 12.61
N GLN B 239 -12.50 0.80 13.79
CA GLN B 239 -12.99 -0.18 14.76
C GLN B 239 -14.17 -1.01 14.20
N ILE B 240 -15.04 -0.36 13.43
CA ILE B 240 -16.14 -1.04 12.77
C ILE B 240 -15.59 -2.02 11.73
N PHE B 241 -14.61 -1.57 10.93
CA PHE B 241 -14.00 -2.42 9.94
C PHE B 241 -13.29 -3.59 10.62
N GLN B 242 -12.59 -3.30 11.71
CA GLN B 242 -11.74 -4.31 12.35
C GLN B 242 -12.59 -5.43 12.93
N HIS B 243 -13.81 -5.10 13.34
CA HIS B 243 -14.71 -6.12 13.87
C HIS B 243 -15.35 -6.93 12.75
N LEU B 244 -15.51 -6.35 11.57
CA LEU B 244 -15.96 -7.11 10.40
C LEU B 244 -14.85 -8.04 9.86
N HIS B 245 -13.61 -7.57 9.96
CA HIS B 245 -12.47 -8.24 9.35
C HIS B 245 -11.28 -8.23 10.29
N PRO B 246 -11.33 -9.02 11.37
CA PRO B 246 -10.31 -8.93 12.42
C PRO B 246 -8.92 -9.45 12.04
N ILE B 247 -8.80 -10.25 11.00
CA ILE B 247 -7.52 -10.87 10.69
C ILE B 247 -6.68 -10.00 9.78
N VAL B 248 -7.33 -9.32 8.85
CA VAL B 248 -6.63 -8.57 7.82
C VAL B 248 -5.80 -7.43 8.42
N VAL B 249 -6.30 -6.78 9.48
CA VAL B 249 -5.54 -5.68 10.05
C VAL B 249 -4.22 -6.18 10.64
N GLN B 250 -4.25 -7.25 11.42
CA GLN B 250 -3.01 -7.74 12.00
C GLN B 250 -2.14 -8.41 10.94
N ALA B 251 -2.77 -8.94 9.91
CA ALA B 251 -2.00 -9.65 8.87
C ALA B 251 -1.36 -8.71 7.84
N ALA B 252 -2.03 -7.62 7.46
CA ALA B 252 -1.60 -6.86 6.28
C ALA B 252 -1.51 -5.35 6.45
N PHE B 253 -2.08 -4.78 7.51
CA PHE B 253 -2.02 -3.33 7.67
C PHE B 253 -0.64 -2.95 8.18
N PRO B 254 -0.21 -1.71 7.90
CA PRO B 254 1.06 -1.25 8.44
C PRO B 254 1.05 -1.24 9.96
N PRO B 255 2.08 -1.79 10.61
CA PRO B 255 2.13 -1.83 12.07
C PRO B 255 1.99 -0.45 12.74
N LEU B 256 2.61 0.59 12.17
CA LEU B 256 2.45 1.93 12.72
C LEU B 256 1.00 2.39 12.70
N TYR B 257 0.26 1.99 11.67
CA TYR B 257 -1.14 2.39 11.56
C TYR B 257 -1.94 1.74 12.67
N LYS B 258 -1.71 0.45 12.87
CA LYS B 258 -2.39 -0.31 13.92
C LYS B 258 -2.06 0.30 15.28
N GLU B 259 -0.78 0.63 15.47
CA GLU B 259 -0.35 1.23 16.74
C GLU B 259 -1.01 2.58 17.01
N LEU B 260 -1.16 3.41 15.97
CA LEU B 260 -1.66 4.76 16.22
C LEU B 260 -3.17 4.78 16.37
N PHE B 261 -3.87 3.84 15.73
CA PHE B 261 -5.31 3.98 15.51
C PHE B 261 -6.15 2.81 16.02
N SER B 262 -5.53 1.67 16.33
CA SER B 262 -6.23 0.52 16.88
C SER B 262 -6.04 0.46 18.38
N SER C 1 1.38 -17.97 13.74
CA SER C 1 1.80 -17.23 12.56
C SER C 1 0.59 -16.61 11.86
N LEU C 2 0.86 -15.69 10.95
CA LEU C 2 -0.21 -15.01 10.21
C LEU C 2 -0.87 -15.91 9.17
N LEU C 3 -0.09 -16.78 8.53
CA LEU C 3 -0.68 -17.74 7.60
C LEU C 3 -1.66 -18.65 8.31
N LYS C 4 -1.28 -19.12 9.49
CA LYS C 4 -2.17 -19.93 10.30
C LYS C 4 -3.46 -19.17 10.59
N LYS C 5 -3.35 -17.90 10.97
CA LYS C 5 -4.53 -17.11 11.29
C LYS C 5 -5.41 -16.88 10.06
N LEU C 6 -4.79 -16.75 8.88
CA LEU C 6 -5.54 -16.56 7.64
C LEU C 6 -6.18 -17.88 7.19
N LEU C 7 -5.57 -19.00 7.60
CA LEU C 7 -6.04 -20.32 7.16
C LEU C 7 -7.12 -20.94 8.03
N ASP C 8 -7.09 -20.71 9.35
CA ASP C 8 -8.15 -21.26 10.20
C ASP C 8 -9.16 -20.18 10.53
N SER D 1 7.85 1.09 21.29
CA SER D 1 6.83 1.37 20.28
C SER D 1 7.47 1.73 18.95
N LEU D 2 6.69 1.70 17.88
CA LEU D 2 7.20 2.01 16.55
C LEU D 2 7.44 3.52 16.38
N LEU D 3 6.58 4.34 16.96
CA LEU D 3 6.83 5.78 16.94
C LEU D 3 8.16 6.09 17.61
N LYS D 4 8.44 5.40 18.71
CA LYS D 4 9.69 5.60 19.43
C LYS D 4 10.87 5.27 18.54
N LYS D 5 10.77 4.14 17.84
CA LYS D 5 11.85 3.66 16.98
C LYS D 5 12.08 4.57 15.77
N LEU D 6 11.02 5.21 15.30
CA LEU D 6 11.14 6.14 14.17
C LEU D 6 11.77 7.47 14.58
N LEU D 7 11.69 7.76 15.87
CA LEU D 7 12.16 9.04 16.40
C LEU D 7 13.65 9.04 16.74
N ASP D 8 14.19 7.90 17.19
CA ASP D 8 15.60 7.86 17.55
C ASP D 8 16.43 7.29 16.39
#